data_3DAY
#
_entry.id   3DAY
#
_cell.length_a   56.508
_cell.length_b   97.835
_cell.length_c   120.415
_cell.angle_alpha   90.00
_cell.angle_beta   90.00
_cell.angle_gamma   90.00
#
_symmetry.space_group_name_H-M   'P 21 21 21'
#
loop_
_entity.id
_entity.type
_entity.pdbx_description
1 polymer 'Acyl-coenzyme A synthetase ACSM2A, mitochondrial precursor'
2 non-polymer 'MAGNESIUM ION'
3 non-polymer 'CHLORIDE ION'
4 non-polymer 'DIPHOSPHOMETHYLPHOSPHONIC ACID ADENOSYL ESTER'
5 non-polymer 2-AMINO-2-HYDROXYMETHYL-PROPANE-1,3-DIOL
6 non-polymer 'UNKNOWN ATOM OR ION'
7 non-polymer GLYCEROL
8 water water
#
_entity_poly.entity_id   1
_entity_poly.type   'polypeptide(L)'
_entity_poly.pdbx_seq_one_letter_code
;MGHHHHHHSSGVDLGTENLYFQSMSLQWGHQEVPAKFNFASDVLDHWADMEKAGKRPPSPALWWVNGKGKELMWNFRELS
ENSQQAANVLSGACGLQRGDRVAVVLPRVPEWWLVILGCIRAGLIFMPGTIQMKSTDILYRLQMSKAKAIVAGDEVIQEV
DTVASECPSLRIKLLVSEKSCDGWLNFKKLLNEASTTHHCVETGSQEASAIYFTSGTSGLPKMAEHSYSSLGLKAKMDAG
WTGLQASDIMWTISDTGWILNILCSLMEPWALGACTFVHLLPKFDPLVILKTLSSYPIKSMMGAPIVYRMLLQQDLSSYK
FPHLQNCVTVGESLLPETLENWRAQTGLDIRESYGQTETGLTCMVSKTMKIKPGYMGTAASCYDVQIIDDKGNVLPPGTE
GDIGIRVKPIRPIGIFSGYVDNPDKTAANIRGDFWLLGDRGIKDEDGYFQFMGRADDIINSSGYRIGPSEVENALMEHPA
VVETAVISSPDPVRGEVVKAFVVLASQFLSHDPEQLTKELQQHVKSVTAPYKYPRKIEFVLNLPKTVTGKIQRAKLRDKE
WKMSGKARAQ
;
_entity_poly.pdbx_strand_id   A
#
loop_
_chem_comp.id
_chem_comp.type
_chem_comp.name
_chem_comp.formula
APC non-polymer 'DIPHOSPHOMETHYLPHOSPHONIC ACID ADENOSYL ESTER' 'C11 H18 N5 O12 P3'
CL non-polymer 'CHLORIDE ION' 'Cl -1'
GOL non-polymer GLYCEROL 'C3 H8 O3'
MG non-polymer 'MAGNESIUM ION' 'Mg 2'
TRS non-polymer 2-AMINO-2-HYDROXYMETHYL-PROPANE-1,3-DIOL 'C4 H12 N O3 1'
UNX non-polymer 'UNKNOWN ATOM OR ION' ?
#
# COMPACT_ATOMS: atom_id res chain seq x y z
N LEU A 26 16.84 -16.67 11.27
CA LEU A 26 16.09 -15.59 11.98
C LEU A 26 15.74 -16.05 13.37
N GLN A 27 16.01 -15.19 14.34
CA GLN A 27 15.54 -15.45 15.68
C GLN A 27 14.45 -14.41 15.96
N TRP A 28 13.21 -14.78 15.64
CA TRP A 28 12.03 -13.96 15.96
C TRP A 28 10.77 -14.75 16.30
N GLY A 29 10.87 -15.63 17.27
CA GLY A 29 9.70 -16.34 17.77
C GLY A 29 9.20 -17.41 16.82
N HIS A 30 8.06 -17.96 17.16
CA HIS A 30 7.40 -18.96 16.35
C HIS A 30 5.94 -18.55 16.31
N GLN A 31 5.19 -19.14 15.39
CA GLN A 31 3.79 -18.83 15.23
C GLN A 31 2.90 -19.95 15.71
N GLU A 32 1.67 -19.56 16.00
CA GLU A 32 0.60 -20.45 16.34
C GLU A 32 -0.41 -20.35 15.21
N VAL A 33 -0.25 -21.21 14.21
CA VAL A 33 -1.09 -21.14 13.04
C VAL A 33 -1.45 -22.58 12.70
N PRO A 34 -2.57 -22.78 12.02
CA PRO A 34 -2.84 -24.11 11.41
C PRO A 34 -1.71 -24.54 10.45
N ALA A 35 -1.48 -25.84 10.29
CA ALA A 35 -0.47 -26.31 9.34
C ALA A 35 -0.71 -25.82 7.88
N LYS A 36 -1.97 -25.79 7.47
CA LYS A 36 -2.35 -25.41 6.13
C LYS A 36 -3.28 -24.21 6.17
N PHE A 37 -3.11 -23.35 5.18
CA PHE A 37 -4.08 -22.30 4.90
C PHE A 37 -3.99 -21.89 3.42
N ASN A 38 -5.13 -21.52 2.87
CA ASN A 38 -5.21 -20.98 1.49
C ASN A 38 -6.46 -20.12 1.41
N PHE A 39 -6.32 -18.85 1.05
CA PHE A 39 -7.46 -17.94 1.04
C PHE A 39 -8.52 -18.38 0.07
N ALA A 40 -8.11 -18.92 -1.09
CA ALA A 40 -9.06 -19.35 -2.14
C ALA A 40 -9.93 -20.50 -1.66
N SER A 41 -9.29 -21.54 -1.15
CA SER A 41 -9.99 -22.73 -0.71
C SER A 41 -10.73 -22.49 0.60
N ASP A 42 -10.09 -21.77 1.51
CA ASP A 42 -10.54 -21.63 2.89
C ASP A 42 -11.50 -20.48 3.12
N VAL A 43 -11.52 -19.48 2.26
CA VAL A 43 -12.40 -18.32 2.47
C VAL A 43 -13.28 -18.15 1.27
N LEU A 44 -12.67 -17.93 0.13
CA LEU A 44 -13.43 -17.59 -1.06
C LEU A 44 -14.38 -18.73 -1.48
N ASP A 45 -13.87 -19.96 -1.51
CA ASP A 45 -14.69 -21.08 -1.97
C ASP A 45 -15.82 -21.47 -1.00
N HIS A 46 -15.73 -21.07 0.28
CA HIS A 46 -16.90 -21.10 1.18
C HIS A 46 -18.10 -20.32 0.64
N TRP A 47 -17.86 -19.09 0.17
CA TRP A 47 -18.95 -18.28 -0.39
C TRP A 47 -19.58 -18.87 -1.69
N ALA A 48 -18.71 -19.34 -2.59
CA ALA A 48 -19.16 -20.06 -3.80
C ALA A 48 -20.05 -21.24 -3.39
N ASP A 49 -19.58 -22.05 -2.44
CA ASP A 49 -20.37 -23.24 -1.98
C ASP A 49 -21.75 -22.91 -1.38
N MET A 50 -21.84 -21.83 -0.62
CA MET A 50 -23.13 -21.37 -0.09
C MET A 50 -24.11 -21.06 -1.20
N GLU A 51 -23.62 -20.46 -2.28
CA GLU A 51 -24.47 -20.09 -3.38
C GLU A 51 -24.91 -21.35 -4.07
N LYS A 52 -23.96 -22.24 -4.29
CA LYS A 52 -24.23 -23.49 -4.99
C LYS A 52 -25.19 -24.37 -4.20
N ALA A 53 -25.06 -24.40 -2.88
CA ALA A 53 -25.99 -25.16 -2.02
C ALA A 53 -27.30 -24.43 -1.77
N GLY A 54 -27.51 -23.28 -2.42
CA GLY A 54 -28.72 -22.49 -2.17
C GLY A 54 -28.79 -21.92 -0.76
N LYS A 55 -27.67 -21.86 -0.04
CA LYS A 55 -27.73 -21.37 1.33
C LYS A 55 -27.63 -19.85 1.39
N ARG A 56 -27.17 -19.25 0.28
CA ARG A 56 -27.10 -17.82 0.16
C ARG A 56 -27.48 -17.53 -1.26
N PRO A 57 -28.17 -16.41 -1.50
CA PRO A 57 -28.45 -16.04 -2.87
C PRO A 57 -27.15 -15.68 -3.63
N PRO A 58 -27.15 -15.80 -4.96
CA PRO A 58 -25.99 -15.34 -5.76
C PRO A 58 -25.69 -13.88 -5.45
N SER A 59 -24.55 -13.67 -4.85
CA SER A 59 -24.20 -12.38 -4.31
C SER A 59 -23.02 -11.80 -5.09
N PRO A 60 -23.07 -10.50 -5.39
CA PRO A 60 -21.93 -9.94 -6.10
C PRO A 60 -20.61 -9.98 -5.33
N ALA A 61 -19.53 -10.34 -6.04
CA ALA A 61 -18.19 -10.53 -5.45
C ALA A 61 -17.25 -9.46 -6.04
N LEU A 62 -17.35 -9.22 -7.36
CA LEU A 62 -16.51 -8.26 -8.06
C LEU A 62 -17.36 -7.49 -9.06
N TRP A 63 -17.38 -6.17 -8.91
CA TRP A 63 -18.07 -5.25 -9.82
C TRP A 63 -17.04 -4.29 -10.34
N TRP A 64 -16.82 -4.33 -11.64
CA TRP A 64 -15.78 -3.53 -12.33
C TRP A 64 -16.42 -2.63 -13.35
N VAL A 65 -15.95 -1.40 -13.43
CA VAL A 65 -16.45 -0.46 -14.45
C VAL A 65 -15.23 0.22 -15.05
N ASN A 66 -15.31 0.61 -16.32
CA ASN A 66 -14.19 1.37 -16.91
C ASN A 66 -14.34 2.88 -16.97
N GLY A 67 -15.53 3.38 -16.63
CA GLY A 67 -15.82 4.79 -16.72
C GLY A 67 -16.19 5.19 -18.13
N LYS A 68 -16.31 4.24 -19.05
CA LYS A 68 -16.71 4.55 -20.43
C LYS A 68 -17.95 3.80 -20.89
N GLY A 69 -18.67 3.16 -19.98
CA GLY A 69 -19.91 2.44 -20.31
C GLY A 69 -19.85 0.90 -20.35
N LYS A 70 -18.68 0.32 -20.05
CA LYS A 70 -18.57 -1.11 -19.82
C LYS A 70 -18.55 -1.41 -18.31
N GLU A 71 -19.34 -2.40 -17.89
N GLU A 71 -19.20 -2.52 -17.96
CA GLU A 71 -19.30 -2.94 -16.54
CA GLU A 71 -19.40 -2.94 -16.60
C GLU A 71 -19.33 -4.48 -16.61
C GLU A 71 -19.40 -4.48 -16.57
N LEU A 72 -18.71 -5.09 -15.62
CA LEU A 72 -18.69 -6.57 -15.49
C LEU A 72 -18.91 -6.90 -14.01
N MET A 73 -19.65 -7.97 -13.73
CA MET A 73 -19.88 -8.40 -12.36
C MET A 73 -19.83 -9.93 -12.25
N TRP A 74 -19.10 -10.42 -11.24
CA TRP A 74 -18.99 -11.82 -10.92
C TRP A 74 -19.68 -11.98 -9.58
N ASN A 75 -20.57 -12.97 -9.49
CA ASN A 75 -20.95 -13.50 -8.16
C ASN A 75 -19.85 -14.44 -7.62
N PHE A 76 -20.04 -14.92 -6.40
CA PHE A 76 -19.04 -15.77 -5.74
C PHE A 76 -18.78 -17.10 -6.46
N ARG A 77 -19.81 -17.72 -7.01
CA ARG A 77 -19.64 -18.93 -7.79
C ARG A 77 -18.89 -18.68 -9.12
N GLU A 78 -19.27 -17.63 -9.87
CA GLU A 78 -18.53 -17.22 -11.08
C GLU A 78 -17.06 -16.84 -10.82
N LEU A 79 -16.83 -16.07 -9.77
CA LEU A 79 -15.48 -15.76 -9.34
C LEU A 79 -14.65 -17.05 -9.08
N SER A 80 -15.23 -17.98 -8.31
CA SER A 80 -14.55 -19.24 -8.03
C SER A 80 -14.28 -20.04 -9.32
N GLU A 81 -15.30 -20.20 -10.17
CA GLU A 81 -15.14 -20.94 -11.44
C GLU A 81 -14.12 -20.27 -12.36
N ASN A 82 -14.24 -18.95 -12.50
CA ASN A 82 -13.40 -18.19 -13.40
C ASN A 82 -11.93 -18.16 -12.89
N SER A 83 -11.74 -18.06 -11.58
CA SER A 83 -10.38 -18.10 -10.99
C SER A 83 -9.78 -19.55 -10.98
N GLN A 84 -10.61 -20.57 -10.93
CA GLN A 84 -10.13 -21.93 -11.18
C GLN A 84 -9.64 -22.08 -12.63
N GLN A 85 -10.38 -21.51 -13.59
CA GLN A 85 -9.91 -21.42 -15.00
C GLN A 85 -8.54 -20.76 -15.06
N ALA A 86 -8.39 -19.64 -14.37
CA ALA A 86 -7.12 -18.91 -14.30
C ALA A 86 -5.98 -19.77 -13.72
N ALA A 87 -6.23 -20.51 -12.63
CA ALA A 87 -5.24 -21.43 -12.05
C ALA A 87 -4.85 -22.53 -13.06
N ASN A 88 -5.84 -23.02 -13.80
CA ASN A 88 -5.57 -23.98 -14.87
C ASN A 88 -4.69 -23.44 -15.99
N VAL A 89 -4.89 -22.18 -16.36
CA VAL A 89 -4.07 -21.54 -17.36
C VAL A 89 -2.60 -21.43 -16.88
N LEU A 90 -2.41 -21.01 -15.65
CA LEU A 90 -1.09 -20.79 -15.10
C LEU A 90 -0.32 -22.10 -14.94
N SER A 91 -1.03 -23.10 -14.42
CA SER A 91 -0.48 -24.40 -14.07
C SER A 91 -0.39 -25.31 -15.27
N GLY A 92 -1.38 -25.25 -16.17
CA GLY A 92 -1.43 -26.07 -17.38
C GLY A 92 -0.75 -25.47 -18.57
N ALA A 93 -1.45 -24.57 -19.25
CA ALA A 93 -0.93 -23.84 -20.42
C ALA A 93 0.49 -23.24 -20.23
N CYS A 94 0.73 -22.62 -19.08
CA CYS A 94 1.99 -21.94 -18.82
C CYS A 94 3.04 -22.86 -18.15
N GLY A 95 2.62 -24.03 -17.70
CA GLY A 95 3.55 -25.03 -17.15
C GLY A 95 4.14 -24.63 -15.82
N LEU A 96 3.57 -23.63 -15.17
CA LEU A 96 4.12 -23.14 -13.90
C LEU A 96 3.88 -24.11 -12.75
N GLN A 97 4.92 -24.31 -11.97
CA GLN A 97 4.94 -25.27 -10.89
C GLN A 97 4.87 -24.56 -9.57
N ARG A 98 4.34 -25.25 -8.58
CA ARG A 98 4.25 -24.76 -7.22
C ARG A 98 5.61 -24.15 -6.76
N GLY A 99 5.52 -22.94 -6.22
CA GLY A 99 6.71 -22.17 -5.81
C GLY A 99 7.29 -21.26 -6.87
N ASP A 100 6.82 -21.39 -8.11
CA ASP A 100 7.33 -20.54 -9.18
C ASP A 100 6.86 -19.11 -8.98
N ARG A 101 7.75 -18.16 -9.30
CA ARG A 101 7.48 -16.76 -9.02
C ARG A 101 6.92 -16.05 -10.27
N VAL A 102 5.83 -15.34 -10.05
CA VAL A 102 5.06 -14.77 -11.18
C VAL A 102 4.88 -13.27 -10.96
N ALA A 103 5.52 -12.44 -11.80
CA ALA A 103 5.33 -11.00 -11.77
C ALA A 103 4.01 -10.64 -12.41
N VAL A 104 3.32 -9.68 -11.80
CA VAL A 104 1.97 -9.29 -12.27
C VAL A 104 1.98 -7.79 -12.37
N VAL A 105 1.88 -7.29 -13.60
CA VAL A 105 1.95 -5.86 -13.90
C VAL A 105 0.74 -5.51 -14.78
N LEU A 106 -0.38 -5.30 -14.08
CA LEU A 106 -1.67 -5.08 -14.73
C LEU A 106 -2.27 -3.77 -14.21
N PRO A 107 -3.09 -3.10 -15.03
CA PRO A 107 -3.89 -1.98 -14.50
C PRO A 107 -5.13 -2.52 -13.73
N ARG A 108 -6.02 -1.64 -13.35
CA ARG A 108 -7.20 -2.04 -12.60
C ARG A 108 -8.27 -2.69 -13.49
N VAL A 109 -7.96 -3.92 -13.88
CA VAL A 109 -8.81 -4.76 -14.70
C VAL A 109 -9.12 -6.01 -13.91
N PRO A 110 -10.30 -6.63 -14.13
CA PRO A 110 -10.68 -7.82 -13.40
C PRO A 110 -9.69 -8.97 -13.44
N GLU A 111 -8.91 -9.06 -14.52
CA GLU A 111 -7.94 -10.12 -14.65
C GLU A 111 -6.85 -10.06 -13.57
N TRP A 112 -6.58 -8.87 -13.01
CA TRP A 112 -5.66 -8.80 -11.89
C TRP A 112 -6.20 -9.70 -10.76
N TRP A 113 -7.48 -9.52 -10.42
CA TRP A 113 -8.11 -10.28 -9.31
C TRP A 113 -8.16 -11.76 -9.65
N LEU A 114 -8.47 -12.08 -10.89
CA LEU A 114 -8.46 -13.47 -11.35
C LEU A 114 -7.06 -14.14 -11.34
N VAL A 115 -6.04 -13.41 -11.80
CA VAL A 115 -4.68 -13.92 -11.86
C VAL A 115 -4.12 -14.15 -10.48
N ILE A 116 -4.45 -13.28 -9.53
CA ILE A 116 -3.92 -13.41 -8.17
C ILE A 116 -4.55 -14.59 -7.50
N LEU A 117 -5.85 -14.72 -7.70
CA LEU A 117 -6.52 -15.89 -7.17
C LEU A 117 -5.99 -17.19 -7.81
N GLY A 118 -5.77 -17.16 -9.13
CA GLY A 118 -5.15 -18.25 -9.90
C GLY A 118 -3.84 -18.67 -9.28
N CYS A 119 -3.04 -17.70 -8.88
CA CYS A 119 -1.72 -17.95 -8.28
C CYS A 119 -1.87 -18.61 -6.93
N ILE A 120 -2.79 -18.08 -6.14
CA ILE A 120 -3.11 -18.65 -4.80
C ILE A 120 -3.54 -20.12 -4.90
N ARG A 121 -4.47 -20.44 -5.83
CA ARG A 121 -4.92 -21.81 -6.07
C ARG A 121 -3.84 -22.78 -6.50
N ALA A 122 -2.96 -22.29 -7.38
CA ALA A 122 -1.93 -23.11 -8.02
C ALA A 122 -0.63 -23.09 -7.24
N GLY A 123 -0.64 -22.45 -6.07
CA GLY A 123 0.54 -22.34 -5.20
C GLY A 123 1.73 -21.61 -5.82
N LEU A 124 1.45 -20.55 -6.57
CA LEU A 124 2.48 -19.75 -7.24
C LEU A 124 2.68 -18.43 -6.49
N ILE A 125 3.91 -17.94 -6.47
CA ILE A 125 4.24 -16.71 -5.72
C ILE A 125 3.97 -15.50 -6.58
N PHE A 126 2.91 -14.77 -6.24
CA PHE A 126 2.56 -13.60 -7.02
C PHE A 126 3.34 -12.39 -6.57
N MET A 127 3.77 -11.58 -7.56
CA MET A 127 4.67 -10.46 -7.32
C MET A 127 4.13 -9.20 -8.06
N PRO A 128 3.17 -8.52 -7.44
CA PRO A 128 2.52 -7.39 -8.13
C PRO A 128 3.40 -6.15 -8.25
N GLY A 129 3.27 -5.49 -9.40
CA GLY A 129 3.91 -4.22 -9.66
C GLY A 129 3.04 -3.27 -10.44
N THR A 130 3.33 -1.99 -10.23
CA THR A 130 2.66 -0.90 -10.90
C THR A 130 2.94 -0.82 -12.43
N ILE A 131 1.86 -0.66 -13.18
CA ILE A 131 1.99 -0.27 -14.57
C ILE A 131 2.76 1.07 -14.80
N GLN A 132 2.94 1.87 -13.74
CA GLN A 132 3.71 3.11 -13.81
CA GLN A 132 3.71 3.10 -13.83
C GLN A 132 5.22 2.86 -13.94
N MET A 133 5.65 1.60 -13.83
CA MET A 133 7.09 1.27 -13.93
C MET A 133 7.74 1.58 -15.29
N LYS A 134 8.92 2.17 -15.25
CA LYS A 134 9.79 2.28 -16.44
C LYS A 134 10.46 0.96 -16.68
N SER A 135 11.03 0.78 -17.87
CA SER A 135 11.65 -0.48 -18.27
C SER A 135 12.87 -0.84 -17.38
N THR A 136 13.54 0.17 -16.83
CA THR A 136 14.65 -0.08 -15.92
C THR A 136 14.15 -0.59 -14.56
N ASP A 137 12.95 -0.21 -14.15
CA ASP A 137 12.33 -0.76 -12.93
C ASP A 137 11.87 -2.18 -13.17
N ILE A 138 11.29 -2.42 -14.34
CA ILE A 138 10.85 -3.77 -14.69
C ILE A 138 12.07 -4.71 -14.73
N LEU A 139 13.15 -4.32 -15.41
CA LEU A 139 14.38 -5.12 -15.36
C LEU A 139 14.83 -5.45 -13.91
N TYR A 140 14.88 -4.43 -13.05
CA TYR A 140 15.37 -4.56 -11.69
C TYR A 140 14.54 -5.62 -10.95
N ARG A 141 13.22 -5.50 -11.02
CA ARG A 141 12.37 -6.46 -10.34
C ARG A 141 12.45 -7.88 -10.91
N LEU A 142 12.43 -8.00 -12.22
CA LEU A 142 12.51 -9.29 -12.86
C LEU A 142 13.83 -9.97 -12.52
N GLN A 143 14.94 -9.24 -12.66
CA GLN A 143 16.23 -9.81 -12.32
C GLN A 143 16.29 -10.12 -10.82
N MET A 144 15.94 -9.18 -9.97
CA MET A 144 16.13 -9.36 -8.54
C MET A 144 15.30 -10.55 -8.00
N SER A 145 14.10 -10.72 -8.57
CA SER A 145 13.14 -11.75 -8.10
C SER A 145 13.27 -13.07 -8.84
N LYS A 146 14.08 -13.09 -9.89
CA LYS A 146 14.22 -14.26 -10.74
C LYS A 146 12.83 -14.78 -11.17
N ALA A 147 11.95 -13.86 -11.53
CA ALA A 147 10.60 -14.23 -11.97
C ALA A 147 10.67 -15.23 -13.13
N LYS A 148 9.85 -16.28 -13.04
CA LYS A 148 9.66 -17.24 -14.14
C LYS A 148 8.59 -16.83 -15.15
N ALA A 149 7.70 -15.92 -14.74
CA ALA A 149 6.58 -15.51 -15.54
C ALA A 149 6.31 -14.05 -15.28
N ILE A 150 5.80 -13.38 -16.32
CA ILE A 150 5.24 -12.06 -16.17
C ILE A 150 3.86 -12.06 -16.81
N VAL A 151 2.88 -11.55 -16.05
CA VAL A 151 1.52 -11.30 -16.56
C VAL A 151 1.37 -9.77 -16.72
N ALA A 152 1.09 -9.33 -17.96
CA ALA A 152 1.05 -7.93 -18.28
C ALA A 152 -0.07 -7.62 -19.28
N GLY A 153 -0.38 -6.33 -19.37
CA GLY A 153 -1.37 -5.82 -20.31
C GLY A 153 -0.66 -5.19 -21.48
N ASP A 154 -1.42 -4.85 -22.51
CA ASP A 154 -0.80 -4.44 -23.78
C ASP A 154 -0.09 -3.07 -23.72
N GLU A 155 -0.42 -2.25 -22.72
CA GLU A 155 0.28 -0.99 -22.49
C GLU A 155 1.65 -1.09 -21.78
N VAL A 156 2.05 -2.28 -21.30
CA VAL A 156 3.39 -2.46 -20.76
C VAL A 156 4.24 -3.48 -21.47
N ILE A 157 3.67 -4.26 -22.41
CA ILE A 157 4.42 -5.27 -23.12
C ILE A 157 5.60 -4.72 -23.94
N GLN A 158 5.50 -3.50 -24.45
CA GLN A 158 6.65 -2.95 -25.21
C GLN A 158 7.81 -2.71 -24.25
N GLU A 159 7.53 -2.14 -23.09
CA GLU A 159 8.58 -1.96 -22.07
C GLU A 159 9.17 -3.29 -21.60
N VAL A 160 8.31 -4.28 -21.36
CA VAL A 160 8.80 -5.60 -20.94
C VAL A 160 9.74 -6.21 -21.98
N ASP A 161 9.35 -6.11 -23.24
CA ASP A 161 10.06 -6.75 -24.31
C ASP A 161 11.39 -6.05 -24.65
N THR A 162 11.56 -4.79 -24.24
CA THR A 162 12.86 -4.16 -24.34
C THR A 162 13.90 -4.79 -23.38
N VAL A 163 13.48 -5.46 -22.30
CA VAL A 163 14.42 -5.93 -21.29
C VAL A 163 14.36 -7.45 -21.01
N ALA A 164 13.35 -8.13 -21.58
CA ALA A 164 13.05 -9.52 -21.20
C ALA A 164 14.22 -10.45 -21.50
N SER A 165 14.92 -10.18 -22.59
CA SER A 165 16.08 -11.00 -22.99
C SER A 165 17.25 -10.96 -21.98
N GLU A 166 17.29 -9.91 -21.18
CA GLU A 166 18.27 -9.81 -20.07
C GLU A 166 17.84 -10.56 -18.78
N CYS A 167 16.72 -11.29 -18.83
CA CYS A 167 16.15 -11.92 -17.64
C CYS A 167 16.14 -13.41 -17.87
N PRO A 168 17.21 -14.08 -17.48
CA PRO A 168 17.36 -15.48 -17.91
C PRO A 168 16.41 -16.47 -17.21
N SER A 169 15.86 -16.12 -16.05
CA SER A 169 14.85 -16.97 -15.41
C SER A 169 13.44 -16.85 -16.04
N LEU A 170 13.15 -15.73 -16.72
CA LEU A 170 11.84 -15.49 -17.36
C LEU A 170 11.55 -16.45 -18.51
N ARG A 171 10.56 -17.32 -18.32
CA ARG A 171 10.23 -18.33 -19.31
C ARG A 171 8.88 -18.05 -19.97
N ILE A 172 7.95 -17.47 -19.22
CA ILE A 172 6.57 -17.29 -19.69
C ILE A 172 6.20 -15.80 -19.68
N LYS A 173 5.72 -15.33 -20.82
CA LYS A 173 5.09 -14.02 -20.93
C LYS A 173 3.62 -14.24 -21.27
N LEU A 174 2.75 -13.78 -20.38
CA LEU A 174 1.31 -13.97 -20.43
C LEU A 174 0.63 -12.61 -20.55
N LEU A 175 -0.11 -12.42 -21.64
CA LEU A 175 -0.68 -11.15 -22.02
C LEU A 175 -2.19 -11.15 -21.81
N VAL A 176 -2.66 -10.10 -21.18
CA VAL A 176 -4.10 -9.85 -20.96
C VAL A 176 -4.44 -8.68 -21.88
N SER A 177 -5.23 -8.96 -22.91
CA SER A 177 -5.46 -8.06 -24.01
C SER A 177 -6.58 -8.63 -24.88
N GLU A 178 -7.25 -7.71 -25.57
CA GLU A 178 -8.18 -8.10 -26.63
C GLU A 178 -7.48 -8.56 -27.90
N LYS A 179 -6.17 -8.34 -27.99
CA LYS A 179 -5.37 -8.73 -29.14
C LYS A 179 -4.29 -9.70 -28.72
N SER A 180 -3.70 -10.37 -29.72
CA SER A 180 -2.56 -11.25 -29.51
CA SER A 180 -2.56 -11.24 -29.50
C SER A 180 -1.24 -10.55 -29.84
N CYS A 181 -0.16 -11.06 -29.27
CA CYS A 181 1.16 -10.58 -29.61
C CYS A 181 2.07 -11.81 -29.66
N ASP A 182 2.83 -11.96 -30.75
CA ASP A 182 3.78 -13.06 -30.88
CA ASP A 182 3.72 -13.12 -30.86
C ASP A 182 4.75 -13.12 -29.70
N GLY A 183 4.99 -14.29 -29.14
CA GLY A 183 5.84 -14.40 -27.96
C GLY A 183 5.12 -14.36 -26.62
N TRP A 184 3.88 -13.90 -26.63
CA TRP A 184 3.03 -13.82 -25.42
C TRP A 184 1.89 -14.79 -25.51
N LEU A 185 1.68 -15.53 -24.43
CA LEU A 185 0.50 -16.41 -24.37
C LEU A 185 -0.78 -15.55 -24.22
N ASN A 186 -1.88 -15.99 -24.85
CA ASN A 186 -3.14 -15.24 -24.84
C ASN A 186 -3.99 -15.65 -23.61
N PHE A 187 -3.81 -14.93 -22.51
CA PHE A 187 -4.60 -15.18 -21.29
C PHE A 187 -6.09 -15.34 -21.51
N LYS A 188 -6.71 -14.39 -22.19
CA LYS A 188 -8.16 -14.39 -22.28
C LYS A 188 -8.71 -15.59 -23.05
N LYS A 189 -8.04 -15.95 -24.15
CA LYS A 189 -8.37 -17.12 -24.93
C LYS A 189 -8.13 -18.43 -24.18
N LEU A 190 -6.97 -18.54 -23.54
CA LEU A 190 -6.66 -19.72 -22.70
C LEU A 190 -7.63 -19.87 -21.54
N LEU A 191 -8.01 -18.76 -20.91
CA LEU A 191 -8.96 -18.75 -19.80
C LEU A 191 -10.30 -19.39 -20.20
N ASN A 192 -10.82 -18.93 -21.33
CA ASN A 192 -12.09 -19.45 -21.85
C ASN A 192 -12.04 -20.93 -22.24
N GLU A 193 -10.90 -21.40 -22.72
CA GLU A 193 -10.71 -22.81 -23.02
C GLU A 193 -10.51 -23.68 -21.77
N ALA A 194 -10.16 -23.07 -20.65
CA ALA A 194 -9.76 -23.79 -19.42
C ALA A 194 -10.97 -24.38 -18.65
N SER A 195 -10.75 -25.51 -17.97
CA SER A 195 -11.74 -26.11 -17.07
C SER A 195 -12.01 -25.22 -15.88
N THR A 196 -13.30 -25.16 -15.51
CA THR A 196 -13.75 -24.44 -14.31
C THR A 196 -13.52 -25.25 -13.01
N THR A 197 -12.98 -26.47 -13.13
CA THR A 197 -12.54 -27.26 -11.98
C THR A 197 -11.00 -27.23 -11.86
N HIS A 198 -10.52 -26.66 -10.78
CA HIS A 198 -9.09 -26.74 -10.45
C HIS A 198 -8.97 -27.31 -9.04
N HIS A 199 -8.01 -28.23 -8.85
CA HIS A 199 -7.71 -28.82 -7.54
C HIS A 199 -6.72 -27.94 -6.77
N CYS A 200 -7.27 -27.14 -5.88
CA CYS A 200 -6.51 -26.16 -5.13
C CYS A 200 -5.38 -26.86 -4.37
N VAL A 201 -4.19 -26.26 -4.47
CA VAL A 201 -3.00 -26.77 -3.80
C VAL A 201 -3.20 -26.63 -2.30
N GLU A 202 -2.87 -27.69 -1.56
CA GLU A 202 -2.95 -27.66 -0.10
C GLU A 202 -1.69 -26.96 0.44
N THR A 203 -1.72 -25.64 0.34
CA THR A 203 -0.61 -24.78 0.68
C THR A 203 -0.40 -24.67 2.21
N GLY A 204 0.88 -24.63 2.61
CA GLY A 204 1.27 -24.45 3.99
C GLY A 204 0.99 -23.03 4.48
N SER A 205 0.61 -22.90 5.75
CA SER A 205 0.26 -21.61 6.32
C SER A 205 1.45 -20.64 6.24
N GLN A 206 2.68 -21.17 6.30
CA GLN A 206 3.89 -20.33 6.27
C GLN A 206 4.65 -20.43 4.94
N GLU A 207 4.09 -21.19 4.00
CA GLU A 207 4.63 -21.28 2.66
C GLU A 207 4.47 -19.90 1.95
N ALA A 208 5.44 -19.56 1.11
CA ALA A 208 5.47 -18.27 0.40
C ALA A 208 4.32 -18.18 -0.57
N SER A 209 3.59 -17.06 -0.49
CA SER A 209 2.48 -16.72 -1.37
C SER A 209 2.73 -15.48 -2.25
N ALA A 210 3.41 -14.48 -1.71
CA ALA A 210 3.61 -13.25 -2.41
C ALA A 210 5.00 -12.65 -2.12
N ILE A 211 5.51 -11.91 -3.08
CA ILE A 211 6.67 -11.04 -2.85
C ILE A 211 6.24 -9.68 -3.31
N TYR A 212 6.28 -8.75 -2.37
CA TYR A 212 6.05 -7.34 -2.60
C TYR A 212 7.37 -6.52 -2.53
N PHE A 213 7.69 -5.81 -3.61
CA PHE A 213 8.77 -4.82 -3.57
C PHE A 213 8.25 -3.55 -2.90
N THR A 214 9.05 -3.01 -1.97
CA THR A 214 8.69 -1.78 -1.28
C THR A 214 8.94 -0.61 -2.24
N SER A 215 8.26 0.51 -1.98
CA SER A 215 8.21 1.56 -2.97
C SER A 215 9.50 2.35 -3.16
N GLY A 216 10.48 2.20 -2.25
CA GLY A 216 11.82 2.76 -2.42
C GLY A 216 12.04 4.11 -1.73
N THR A 217 11.22 4.41 -0.74
CA THR A 217 11.31 5.73 -0.07
C THR A 217 12.66 5.92 0.59
N SER A 218 13.11 4.89 1.30
CA SER A 218 14.34 5.00 2.08
C SER A 218 15.57 4.49 1.30
N GLY A 219 15.38 3.94 0.10
CA GLY A 219 16.49 3.31 -0.62
C GLY A 219 15.98 2.32 -1.66
N LEU A 220 16.84 1.41 -2.14
CA LEU A 220 16.42 0.46 -3.17
C LEU A 220 15.21 -0.31 -2.62
N PRO A 221 14.25 -0.61 -3.48
CA PRO A 221 13.15 -1.46 -3.09
C PRO A 221 13.62 -2.77 -2.44
N LYS A 222 12.98 -3.13 -1.33
CA LYS A 222 13.22 -4.40 -0.64
C LYS A 222 12.15 -5.40 -1.04
N MET A 223 12.54 -6.67 -1.11
CA MET A 223 11.65 -7.74 -1.47
C MET A 223 11.07 -8.35 -0.18
N ALA A 224 9.80 -8.07 0.08
CA ALA A 224 9.07 -8.48 1.29
C ALA A 224 8.26 -9.75 0.97
N GLU A 225 8.65 -10.87 1.57
CA GLU A 225 7.93 -12.16 1.39
C GLU A 225 6.82 -12.39 2.38
N HIS A 226 5.64 -12.70 1.84
CA HIS A 226 4.45 -12.94 2.59
C HIS A 226 3.99 -14.36 2.35
N SER A 227 3.46 -14.94 3.44
CA SER A 227 2.94 -16.30 3.43
C SER A 227 1.42 -16.32 3.16
N TYR A 228 0.92 -17.52 2.89
CA TYR A 228 -0.54 -17.73 2.79
C TYR A 228 -1.32 -17.21 4.01
N SER A 229 -0.79 -17.43 5.21
CA SER A 229 -1.44 -16.93 6.44
C SER A 229 -1.20 -15.48 6.76
N SER A 230 0.02 -14.96 6.49
CA SER A 230 0.37 -13.59 6.79
C SER A 230 -0.46 -12.59 5.99
N LEU A 231 -0.96 -13.02 4.85
CA LEU A 231 -1.93 -12.28 4.09
C LEU A 231 -3.34 -12.74 4.38
N GLY A 232 -3.66 -13.98 4.05
CA GLY A 232 -5.05 -14.44 4.03
C GLY A 232 -5.69 -14.70 5.41
N LEU A 233 -4.93 -15.25 6.34
CA LEU A 233 -5.42 -15.54 7.69
C LEU A 233 -5.51 -14.26 8.50
N LYS A 234 -4.49 -13.42 8.40
CA LYS A 234 -4.53 -12.08 8.98
C LYS A 234 -5.74 -11.30 8.47
N ALA A 235 -5.91 -11.22 7.16
CA ALA A 235 -7.10 -10.54 6.58
C ALA A 235 -8.41 -11.11 7.12
N LYS A 236 -8.49 -12.43 7.13
CA LYS A 236 -9.62 -13.16 7.74
C LYS A 236 -9.88 -12.75 9.18
N MET A 237 -8.84 -12.69 9.99
CA MET A 237 -8.94 -12.26 11.38
C MET A 237 -9.33 -10.80 11.51
N ASP A 238 -8.86 -9.97 10.57
CA ASP A 238 -9.13 -8.53 10.54
C ASP A 238 -10.49 -8.16 9.92
N ALA A 239 -11.18 -9.13 9.33
CA ALA A 239 -12.36 -8.85 8.48
C ALA A 239 -13.42 -8.02 9.21
N GLY A 240 -13.84 -6.92 8.59
CA GLY A 240 -14.84 -5.99 9.13
C GLY A 240 -14.27 -4.76 9.83
N TRP A 241 -12.95 -4.66 9.95
CA TRP A 241 -12.36 -3.48 10.62
C TRP A 241 -12.75 -2.12 9.98
N THR A 242 -12.94 -2.17 8.67
CA THR A 242 -13.42 -1.05 7.87
C THR A 242 -14.85 -0.60 8.16
N GLY A 243 -15.63 -1.42 8.87
CA GLY A 243 -17.06 -1.27 9.01
C GLY A 243 -17.87 -1.98 7.94
N LEU A 244 -17.20 -2.54 6.93
CA LEU A 244 -17.87 -3.32 5.88
C LEU A 244 -18.60 -4.56 6.45
N GLN A 245 -19.74 -4.88 5.83
CA GLN A 245 -20.54 -6.03 6.19
C GLN A 245 -20.87 -6.85 4.93
N ALA A 246 -21.41 -8.07 5.14
CA ALA A 246 -21.53 -9.06 4.09
C ALA A 246 -22.36 -8.60 2.87
N SER A 247 -23.38 -7.77 3.09
CA SER A 247 -24.27 -7.30 2.01
C SER A 247 -23.81 -5.99 1.33
N ASP A 248 -22.58 -5.54 1.65
CA ASP A 248 -22.12 -4.21 1.25
C ASP A 248 -21.17 -4.26 0.08
N ILE A 249 -20.94 -3.07 -0.49
CA ILE A 249 -19.94 -2.87 -1.54
C ILE A 249 -18.80 -1.96 -1.00
N MET A 250 -17.55 -2.44 -1.08
CA MET A 250 -16.36 -1.58 -0.75
C MET A 250 -15.59 -1.17 -2.01
N TRP A 251 -15.24 0.11 -2.08
CA TRP A 251 -14.32 0.60 -3.12
C TRP A 251 -12.99 0.94 -2.48
N THR A 252 -12.01 0.08 -2.71
CA THR A 252 -10.61 0.35 -2.38
C THR A 252 -9.97 0.99 -3.63
N ILE A 253 -9.47 2.20 -3.45
CA ILE A 253 -8.82 3.00 -4.54
C ILE A 253 -7.31 2.86 -4.38
N SER A 254 -6.69 2.11 -5.30
CA SER A 254 -5.30 1.66 -5.19
C SER A 254 -4.71 1.23 -6.55
N ASP A 255 -3.43 1.50 -6.72
CA ASP A 255 -2.65 0.80 -7.70
C ASP A 255 -2.68 -0.70 -7.31
N THR A 256 -2.80 -1.55 -8.33
CA THR A 256 -2.78 -3.01 -8.16
C THR A 256 -1.44 -3.56 -7.75
N GLY A 257 -0.39 -2.72 -7.86
CA GLY A 257 1.00 -3.07 -7.51
C GLY A 257 1.34 -3.04 -6.02
N TRP A 258 0.47 -2.47 -5.21
CA TRP A 258 0.81 -2.36 -3.81
C TRP A 258 -0.01 -3.28 -2.87
N ILE A 259 0.53 -3.53 -1.68
CA ILE A 259 -0.08 -4.50 -0.75
C ILE A 259 -1.51 -4.11 -0.30
N LEU A 260 -1.79 -2.80 -0.25
CA LEU A 260 -3.12 -2.26 -0.01
C LEU A 260 -4.16 -3.01 -0.85
N ASN A 261 -3.81 -3.26 -2.14
CA ASN A 261 -4.75 -3.83 -3.08
C ASN A 261 -5.16 -5.25 -2.68
N ILE A 262 -4.21 -6.11 -2.33
CA ILE A 262 -4.54 -7.45 -1.84
C ILE A 262 -5.28 -7.47 -0.50
N LEU A 263 -4.87 -6.61 0.42
CA LEU A 263 -5.41 -6.65 1.75
C LEU A 263 -6.83 -6.05 1.79
N CYS A 264 -7.08 -4.95 1.08
CA CYS A 264 -8.34 -4.23 1.22
CA CYS A 264 -8.33 -4.22 1.23
C CYS A 264 -9.25 -4.33 0.02
N SER A 265 -8.69 -4.37 -1.17
CA SER A 265 -9.48 -4.58 -2.35
C SER A 265 -9.94 -6.03 -2.52
N LEU A 266 -9.13 -7.00 -2.12
CA LEU A 266 -9.46 -8.41 -2.40
C LEU A 266 -9.92 -9.09 -1.09
N MET A 267 -9.00 -9.17 -0.15
CA MET A 267 -9.15 -10.02 1.01
C MET A 267 -10.22 -9.58 2.03
N GLU A 268 -10.27 -8.29 2.38
CA GLU A 268 -11.24 -7.74 3.36
C GLU A 268 -12.70 -8.04 2.92
N PRO A 269 -13.09 -7.60 1.70
CA PRO A 269 -14.47 -7.85 1.28
C PRO A 269 -14.77 -9.35 1.14
N TRP A 270 -13.86 -10.13 0.58
CA TRP A 270 -14.15 -11.52 0.32
C TRP A 270 -14.08 -12.44 1.55
N ALA A 271 -13.35 -12.02 2.58
CA ALA A 271 -13.46 -12.65 3.90
C ALA A 271 -14.90 -12.53 4.40
N LEU A 272 -15.56 -11.39 4.11
CA LEU A 272 -16.90 -11.11 4.60
C LEU A 272 -18.02 -11.57 3.67
N GLY A 273 -17.68 -11.96 2.44
CA GLY A 273 -18.66 -12.27 1.44
C GLY A 273 -19.27 -11.02 0.82
N ALA A 274 -18.58 -9.88 1.01
CA ALA A 274 -18.96 -8.60 0.44
C ALA A 274 -18.44 -8.43 -0.98
N CYS A 275 -18.99 -7.42 -1.66
CA CYS A 275 -18.59 -7.11 -3.03
C CYS A 275 -17.46 -6.09 -3.03
N THR A 276 -16.48 -6.29 -3.91
CA THR A 276 -15.43 -5.31 -4.14
C THR A 276 -15.69 -4.60 -5.47
N PHE A 277 -15.53 -3.27 -5.43
CA PHE A 277 -15.80 -2.40 -6.57
C PHE A 277 -14.46 -1.90 -7.11
N VAL A 278 -14.28 -1.98 -8.41
CA VAL A 278 -13.04 -1.62 -9.08
C VAL A 278 -13.41 -0.75 -10.26
N HIS A 279 -12.89 0.47 -10.24
CA HIS A 279 -13.01 1.42 -11.37
C HIS A 279 -11.63 1.45 -12.05
N LEU A 280 -11.57 1.17 -13.35
CA LEU A 280 -10.31 1.32 -14.10
C LEU A 280 -9.55 2.63 -13.72
N LEU A 281 -10.29 3.76 -13.64
CA LEU A 281 -9.72 5.06 -13.25
CA LEU A 281 -9.74 5.05 -13.26
C LEU A 281 -8.38 5.32 -13.94
N PRO A 282 -8.36 5.31 -15.29
CA PRO A 282 -7.09 5.39 -16.02
C PRO A 282 -6.31 6.70 -15.80
N LYS A 283 -6.98 7.77 -15.41
CA LYS A 283 -6.28 9.03 -15.12
C LYS A 283 -6.36 9.49 -13.68
N PHE A 284 -6.93 8.67 -12.82
CA PHE A 284 -7.08 9.02 -11.42
C PHE A 284 -7.74 10.39 -11.24
N ASP A 285 -8.79 10.63 -12.02
CA ASP A 285 -9.43 11.92 -12.09
C ASP A 285 -10.38 12.04 -10.89
N PRO A 286 -10.17 13.06 -10.04
CA PRO A 286 -10.99 13.16 -8.81
C PRO A 286 -12.47 13.44 -9.09
N LEU A 287 -12.79 14.15 -10.17
CA LEU A 287 -14.19 14.37 -10.57
C LEU A 287 -14.85 13.03 -10.95
N VAL A 288 -14.09 12.14 -11.61
CA VAL A 288 -14.55 10.78 -11.90
C VAL A 288 -14.82 10.01 -10.58
N ILE A 289 -13.96 10.20 -9.56
CA ILE A 289 -14.15 9.50 -8.27
C ILE A 289 -15.43 9.96 -7.60
N LEU A 290 -15.64 11.28 -7.61
CA LEU A 290 -16.82 11.87 -7.06
C LEU A 290 -18.08 11.36 -7.76
N LYS A 291 -18.09 11.40 -9.09
CA LYS A 291 -19.24 10.91 -9.84
C LYS A 291 -19.53 9.43 -9.53
N THR A 292 -18.48 8.64 -9.39
CA THR A 292 -18.63 7.20 -9.09
C THR A 292 -19.28 6.96 -7.72
N LEU A 293 -18.77 7.64 -6.71
CA LEU A 293 -19.31 7.60 -5.37
C LEU A 293 -20.78 7.96 -5.36
N SER A 294 -21.13 8.95 -6.18
CA SER A 294 -22.47 9.47 -6.20
C SER A 294 -23.44 8.60 -7.06
N SER A 295 -22.91 7.79 -7.97
CA SER A 295 -23.72 7.04 -8.96
C SER A 295 -23.93 5.55 -8.64
N TYR A 296 -23.12 5.01 -7.73
CA TYR A 296 -23.10 3.60 -7.39
C TYR A 296 -23.27 3.48 -5.86
N PRO A 297 -23.92 2.39 -5.38
CA PRO A 297 -24.20 2.21 -3.98
C PRO A 297 -22.99 1.70 -3.19
N ILE A 298 -21.91 2.48 -3.25
CA ILE A 298 -20.66 2.24 -2.51
C ILE A 298 -20.89 2.64 -1.02
N LYS A 299 -20.80 1.67 -0.13
CA LYS A 299 -21.02 1.89 1.30
C LYS A 299 -19.73 2.19 2.10
N SER A 300 -18.61 1.70 1.60
CA SER A 300 -17.32 1.86 2.22
C SER A 300 -16.30 2.16 1.12
N MET A 301 -15.34 3.02 1.46
CA MET A 301 -14.20 3.34 0.64
C MET A 301 -12.90 3.42 1.47
N MET A 302 -11.83 3.01 0.80
CA MET A 302 -10.46 3.11 1.26
C MET A 302 -9.65 3.82 0.20
N GLY A 303 -8.91 4.84 0.63
CA GLY A 303 -7.94 5.54 -0.22
C GLY A 303 -6.91 6.25 0.66
N ALA A 304 -5.78 6.54 0.04
CA ALA A 304 -4.76 7.40 0.61
C ALA A 304 -5.37 8.75 0.94
N PRO A 305 -4.77 9.47 1.91
CA PRO A 305 -5.21 10.81 2.30
C PRO A 305 -5.38 11.77 1.09
N ILE A 306 -4.51 11.64 0.09
CA ILE A 306 -4.65 12.46 -1.12
C ILE A 306 -6.01 12.36 -1.82
N VAL A 307 -6.63 11.18 -1.81
CA VAL A 307 -7.98 11.02 -2.39
C VAL A 307 -9.02 11.96 -1.73
N TYR A 308 -9.01 12.02 -0.41
CA TYR A 308 -9.96 12.85 0.31
C TYR A 308 -9.64 14.35 0.09
N ARG A 309 -8.36 14.69 0.02
CA ARG A 309 -7.92 16.05 -0.20
C ARG A 309 -8.38 16.55 -1.58
N MET A 310 -8.29 15.67 -2.57
CA MET A 310 -8.71 15.97 -3.93
C MET A 310 -10.21 16.12 -4.02
N LEU A 311 -10.94 15.27 -3.30
CA LEU A 311 -12.40 15.28 -3.30
C LEU A 311 -12.94 16.56 -2.68
N LEU A 312 -12.28 17.00 -1.60
CA LEU A 312 -12.63 18.27 -0.94
C LEU A 312 -12.45 19.49 -1.88
N GLN A 313 -11.61 19.40 -2.91
CA GLN A 313 -11.45 20.48 -3.88
C GLN A 313 -12.45 20.41 -5.04
N GLN A 314 -13.25 19.35 -5.07
CA GLN A 314 -14.34 19.24 -6.02
C GLN A 314 -15.61 19.83 -5.39
N ASP A 315 -16.66 19.94 -6.20
CA ASP A 315 -17.93 20.54 -5.81
C ASP A 315 -18.80 19.45 -5.19
N LEU A 316 -18.61 19.27 -3.89
CA LEU A 316 -19.35 18.30 -3.10
C LEU A 316 -20.81 18.74 -2.82
N SER A 317 -21.18 19.98 -3.13
CA SER A 317 -22.61 20.36 -3.08
C SER A 317 -23.43 19.64 -4.17
N SER A 318 -22.80 19.38 -5.31
CA SER A 318 -23.51 18.88 -6.48
C SER A 318 -23.50 17.38 -6.64
N TYR A 319 -22.67 16.68 -5.87
CA TYR A 319 -22.49 15.26 -6.04
C TYR A 319 -22.58 14.55 -4.70
N LYS A 320 -23.81 14.38 -4.21
CA LYS A 320 -24.04 13.75 -2.92
C LYS A 320 -23.91 12.20 -2.95
N PHE A 321 -23.56 11.61 -1.82
CA PHE A 321 -23.39 10.16 -1.74
C PHE A 321 -23.92 9.65 -0.42
N PRO A 322 -25.25 9.77 -0.24
CA PRO A 322 -25.92 9.39 1.02
C PRO A 322 -25.71 7.93 1.45
N HIS A 323 -25.34 7.10 0.49
CA HIS A 323 -25.15 5.67 0.71
CA HIS A 323 -25.16 5.67 0.71
C HIS A 323 -23.82 5.36 1.39
N LEU A 324 -22.86 6.28 1.29
CA LEU A 324 -21.53 6.05 1.82
C LEU A 324 -21.55 6.21 3.32
N GLN A 325 -20.95 5.23 4.01
CA GLN A 325 -21.00 5.09 5.48
CA GLN A 325 -20.97 5.29 5.47
C GLN A 325 -19.58 5.14 6.07
N ASN A 326 -18.67 4.38 5.42
CA ASN A 326 -17.31 4.11 5.93
C ASN A 326 -16.23 4.64 5.04
N CYS A 327 -15.40 5.51 5.60
CA CYS A 327 -14.26 6.14 4.92
C CYS A 327 -13.01 5.84 5.74
N VAL A 328 -12.10 5.09 5.15
CA VAL A 328 -10.86 4.72 5.83
C VAL A 328 -9.72 5.17 4.95
N THR A 329 -8.57 5.31 5.58
CA THR A 329 -7.38 5.77 4.90
C THR A 329 -6.13 5.06 5.43
N VAL A 330 -5.08 5.03 4.61
CA VAL A 330 -3.74 4.52 5.03
C VAL A 330 -2.67 5.15 4.14
N GLY A 331 -1.40 5.08 4.58
CA GLY A 331 -0.26 5.41 3.73
C GLY A 331 0.53 6.61 4.16
N GLU A 332 -0.13 7.61 4.71
CA GLU A 332 0.53 8.78 5.21
C GLU A 332 -0.44 9.37 6.22
N SER A 333 0.03 10.39 6.94
CA SER A 333 -0.74 11.01 8.00
C SER A 333 -1.98 11.71 7.43
N LEU A 334 -3.10 11.45 8.09
CA LEU A 334 -4.31 12.17 7.84
C LEU A 334 -4.27 13.44 8.68
N LEU A 335 -4.23 14.58 7.99
CA LEU A 335 -4.18 15.88 8.61
C LEU A 335 -5.47 16.10 9.33
N PRO A 336 -5.40 16.59 10.59
CA PRO A 336 -6.61 17.02 11.28
C PRO A 336 -7.48 17.96 10.45
N GLU A 337 -6.85 18.76 9.60
CA GLU A 337 -7.58 19.69 8.75
C GLU A 337 -8.45 18.94 7.71
N THR A 338 -7.91 17.90 7.12
CA THR A 338 -8.67 17.08 6.18
C THR A 338 -9.81 16.35 6.85
N LEU A 339 -9.50 15.67 7.96
CA LEU A 339 -10.54 15.05 8.82
C LEU A 339 -11.69 16.00 9.11
N GLU A 340 -11.38 17.22 9.61
CA GLU A 340 -12.40 18.16 9.96
C GLU A 340 -13.20 18.69 8.76
N ASN A 341 -12.54 19.03 7.65
CA ASN A 341 -13.26 19.50 6.44
C ASN A 341 -14.21 18.39 5.87
N TRP A 342 -13.70 17.17 5.80
CA TRP A 342 -14.51 16.04 5.34
C TRP A 342 -15.78 15.87 6.16
N ARG A 343 -15.63 15.88 7.48
CA ARG A 343 -16.78 15.84 8.41
C ARG A 343 -17.76 16.96 8.17
N ALA A 344 -17.26 18.18 8.05
CA ALA A 344 -18.12 19.33 7.75
C ALA A 344 -18.89 19.14 6.46
N GLN A 345 -18.19 18.69 5.41
CA GLN A 345 -18.76 18.74 4.09
CA GLN A 345 -18.73 18.70 4.06
C GLN A 345 -19.63 17.52 3.81
N THR A 346 -19.35 16.39 4.46
CA THR A 346 -20.04 15.12 4.17
C THR A 346 -20.80 14.49 5.34
N GLY A 347 -20.51 14.96 6.56
CA GLY A 347 -21.03 14.34 7.76
C GLY A 347 -20.35 13.02 8.16
N LEU A 348 -19.34 12.60 7.40
CA LEU A 348 -18.61 11.35 7.67
C LEU A 348 -17.26 11.56 8.34
N ASP A 349 -16.89 10.57 9.12
CA ASP A 349 -15.57 10.44 9.70
C ASP A 349 -14.60 9.85 8.66
N ILE A 350 -13.32 10.17 8.73
CA ILE A 350 -12.30 9.36 8.03
C ILE A 350 -11.58 8.63 9.16
N ARG A 351 -11.56 7.30 9.10
N ARG A 351 -11.57 7.30 9.10
CA ARG A 351 -10.83 6.52 10.09
C ARG A 351 -9.46 6.06 9.56
N GLU A 352 -8.42 6.59 10.20
CA GLU A 352 -7.05 6.34 9.80
C GLU A 352 -6.57 4.95 10.22
N SER A 353 -5.68 4.42 9.41
CA SER A 353 -4.90 3.22 9.68
C SER A 353 -3.43 3.43 9.32
N TYR A 354 -2.63 2.52 9.84
CA TYR A 354 -1.20 2.56 9.74
C TYR A 354 -0.65 1.14 9.50
N GLY A 355 0.37 1.05 8.67
CA GLY A 355 1.17 -0.15 8.59
C GLY A 355 2.25 0.02 7.56
N GLN A 356 2.89 -1.08 7.22
CA GLN A 356 3.95 -1.08 6.22
C GLN A 356 3.86 -2.42 5.50
N THR A 357 4.60 -2.53 4.41
CA THR A 357 4.54 -3.73 3.60
C THR A 357 4.86 -5.00 4.40
N GLU A 358 5.85 -4.89 5.27
CA GLU A 358 6.32 -5.99 6.15
C GLU A 358 5.31 -6.49 7.18
N THR A 359 4.35 -5.63 7.57
CA THR A 359 3.46 -5.93 8.64
C THR A 359 1.97 -5.86 8.33
N GLY A 360 1.60 -5.36 7.14
CA GLY A 360 0.21 -5.15 6.79
C GLY A 360 -0.43 -4.15 7.75
N LEU A 361 -1.71 -4.34 8.01
CA LEU A 361 -2.48 -3.50 8.92
C LEU A 361 -2.02 -3.69 10.37
N THR A 362 -1.49 -2.60 10.93
CA THR A 362 -0.73 -2.59 12.15
C THR A 362 -1.44 -1.85 13.29
N CYS A 363 -1.92 -0.65 13.00
CA CYS A 363 -2.78 0.15 13.87
C CYS A 363 -3.97 0.69 13.05
N MET A 364 -5.11 0.86 13.70
N MET A 364 -5.12 0.83 13.69
CA MET A 364 -6.27 1.47 13.06
CA MET A 364 -6.29 1.45 13.06
C MET A 364 -7.31 1.99 14.05
C MET A 364 -7.33 1.97 14.04
N VAL A 365 -8.14 2.89 13.53
CA VAL A 365 -9.30 3.38 14.19
C VAL A 365 -10.44 2.55 13.61
N SER A 366 -11.01 1.72 14.48
CA SER A 366 -12.09 0.84 14.12
C SER A 366 -13.39 1.63 14.14
N LYS A 367 -14.42 0.99 13.57
CA LYS A 367 -15.73 1.59 13.39
C LYS A 367 -16.35 2.05 14.71
N THR A 368 -16.09 1.32 15.77
CA THR A 368 -16.64 1.65 17.11
C THR A 368 -15.81 2.60 17.96
N MET A 369 -14.59 2.87 17.54
CA MET A 369 -13.67 3.72 18.31
C MET A 369 -13.90 5.21 18.11
N LYS A 370 -13.68 5.96 19.16
CA LYS A 370 -13.59 7.43 19.11
C LYS A 370 -12.47 7.85 18.16
N ILE A 371 -12.72 8.92 17.41
CA ILE A 371 -11.75 9.46 16.49
C ILE A 371 -10.96 10.55 17.23
N LYS A 372 -9.64 10.44 17.16
CA LYS A 372 -8.76 11.44 17.74
C LYS A 372 -7.93 11.98 16.58
N PRO A 373 -8.21 13.23 16.17
CA PRO A 373 -7.41 13.79 15.07
C PRO A 373 -5.92 13.80 15.39
N GLY A 374 -5.12 13.47 14.38
CA GLY A 374 -3.65 13.39 14.52
C GLY A 374 -3.14 12.06 15.02
N TYR A 375 -4.05 11.12 15.29
CA TYR A 375 -3.72 9.78 15.76
C TYR A 375 -4.23 8.75 14.80
N MET A 376 -3.44 7.70 14.64
CA MET A 376 -3.69 6.66 13.64
C MET A 376 -4.26 5.34 14.20
N GLY A 377 -4.75 5.37 15.44
CA GLY A 377 -5.47 4.27 16.06
C GLY A 377 -4.68 3.38 17.02
N THR A 378 -5.24 2.23 17.31
CA THR A 378 -4.66 1.30 18.28
C THR A 378 -4.20 0.06 17.56
N ALA A 379 -3.43 -0.79 18.26
CA ALA A 379 -2.94 -2.08 17.68
C ALA A 379 -4.03 -2.88 16.94
N ALA A 380 -3.71 -3.41 15.76
CA ALA A 380 -4.53 -4.41 15.06
C ALA A 380 -4.48 -5.70 15.86
N SER A 381 -5.45 -6.58 15.68
CA SER A 381 -5.74 -7.65 16.71
C SER A 381 -4.64 -8.70 16.96
N CYS A 382 -3.96 -9.12 15.90
CA CYS A 382 -2.88 -10.06 16.08
C CYS A 382 -1.67 -9.45 16.82
N TYR A 383 -1.65 -8.12 17.05
CA TYR A 383 -0.40 -7.40 17.36
C TYR A 383 -0.34 -6.72 18.73
N ASP A 384 0.80 -6.90 19.38
CA ASP A 384 1.19 -6.13 20.56
C ASP A 384 2.13 -5.07 20.06
N VAL A 385 1.57 -3.89 19.82
CA VAL A 385 2.31 -2.78 19.25
C VAL A 385 2.62 -1.86 20.41
N GLN A 386 3.88 -1.45 20.50
CA GLN A 386 4.34 -0.66 21.62
C GLN A 386 5.36 0.38 21.12
N ILE A 387 5.62 1.37 21.97
CA ILE A 387 6.71 2.27 21.80
C ILE A 387 7.87 1.79 22.64
N ILE A 388 9.04 1.61 22.02
CA ILE A 388 10.14 0.97 22.75
C ILE A 388 11.39 1.84 22.71
N ASP A 389 12.24 1.65 23.70
CA ASP A 389 13.47 2.42 23.82
C ASP A 389 14.62 1.71 23.09
N ASP A 390 15.84 2.24 23.20
CA ASP A 390 17.04 1.67 22.48
C ASP A 390 17.40 0.24 22.84
N LYS A 391 16.95 -0.22 24.00
CA LYS A 391 17.23 -1.56 24.48
C LYS A 391 16.07 -2.53 24.22
N GLY A 392 15.02 -2.05 23.57
CA GLY A 392 13.85 -2.90 23.31
C GLY A 392 12.83 -2.93 24.45
N ASN A 393 13.00 -2.05 25.42
CA ASN A 393 12.08 -1.98 26.57
C ASN A 393 10.85 -1.11 26.25
N VAL A 394 9.68 -1.55 26.75
CA VAL A 394 8.41 -0.88 26.55
C VAL A 394 8.41 0.42 27.37
N LEU A 395 7.99 1.50 26.71
CA LEU A 395 7.97 2.85 27.26
C LEU A 395 6.54 3.23 27.73
N PRO A 396 6.47 4.12 28.73
CA PRO A 396 5.19 4.57 29.27
C PRO A 396 4.46 5.45 28.26
N PRO A 397 3.12 5.60 28.41
CA PRO A 397 2.42 6.53 27.53
C PRO A 397 3.05 7.96 27.56
N GLY A 398 2.92 8.69 26.45
CA GLY A 398 3.42 10.04 26.34
C GLY A 398 4.92 10.16 26.04
N THR A 399 5.64 9.06 25.81
CA THR A 399 7.09 9.08 25.59
C THR A 399 7.31 8.71 24.14
N GLU A 400 8.06 9.56 23.43
CA GLU A 400 8.42 9.26 22.07
C GLU A 400 9.47 8.17 22.01
N GLY A 401 9.30 7.26 21.07
CA GLY A 401 10.22 6.15 20.88
C GLY A 401 9.99 5.47 19.54
N ASP A 402 10.54 4.27 19.38
CA ASP A 402 10.36 3.50 18.13
C ASP A 402 9.10 2.67 18.23
N ILE A 403 8.30 2.68 17.17
CA ILE A 403 7.13 1.81 17.07
C ILE A 403 7.61 0.39 16.73
N GLY A 404 7.15 -0.57 17.52
CA GLY A 404 7.54 -1.97 17.41
C GLY A 404 6.38 -2.91 17.66
N ILE A 405 6.47 -4.10 17.04
CA ILE A 405 5.48 -5.21 17.22
C ILE A 405 6.21 -6.35 17.89
N ARG A 406 5.65 -6.83 19.02
CA ARG A 406 6.27 -7.91 19.76
C ARG A 406 6.27 -9.15 18.84
N VAL A 407 7.43 -9.73 18.64
CA VAL A 407 7.57 -10.92 17.78
C VAL A 407 8.15 -12.12 18.50
N LYS A 408 8.57 -11.93 19.75
CA LYS A 408 9.04 -13.03 20.59
C LYS A 408 8.32 -13.04 21.94
N PRO A 409 8.02 -14.25 22.44
CA PRO A 409 8.37 -15.54 21.82
C PRO A 409 7.41 -15.95 20.69
N ILE A 410 6.23 -15.34 20.64
CA ILE A 410 5.30 -15.64 19.54
C ILE A 410 5.29 -14.55 18.49
N ARG A 411 5.67 -14.91 17.26
CA ARG A 411 5.54 -14.02 16.11
CA ARG A 411 5.55 -14.01 16.12
C ARG A 411 4.09 -14.02 15.63
N PRO A 412 3.44 -12.85 15.65
CA PRO A 412 1.99 -12.83 15.30
C PRO A 412 1.67 -13.07 13.82
N ILE A 413 0.50 -13.58 13.58
CA ILE A 413 0.00 -13.77 12.21
C ILE A 413 -0.17 -12.39 11.58
N GLY A 414 0.28 -12.24 10.34
CA GLY A 414 0.28 -10.93 9.68
C GLY A 414 1.67 -10.39 9.39
N ILE A 415 2.64 -10.75 10.23
CA ILE A 415 4.02 -10.32 10.00
C ILE A 415 4.54 -11.13 8.81
N PHE A 416 5.30 -10.45 7.95
CA PHE A 416 5.91 -11.08 6.76
C PHE A 416 6.98 -12.13 7.15
N SER A 417 7.48 -12.80 6.13
CA SER A 417 8.36 -13.94 6.32
C SER A 417 9.85 -13.53 6.38
N GLY A 418 10.13 -12.29 6.00
CA GLY A 418 11.49 -11.76 5.90
C GLY A 418 11.80 -11.18 4.53
N TYR A 419 12.91 -10.47 4.43
CA TYR A 419 13.39 -9.89 3.19
C TYR A 419 14.00 -11.02 2.36
N VAL A 420 13.50 -11.17 1.13
CA VAL A 420 14.06 -12.16 0.20
C VAL A 420 15.57 -11.95 -0.01
N ASP A 421 16.29 -13.03 0.20
CA ASP A 421 17.77 -13.15 0.02
C ASP A 421 18.56 -12.37 1.09
N ASN A 422 17.91 -11.76 2.07
CA ASN A 422 18.59 -10.81 2.92
C ASN A 422 18.21 -10.98 4.37
N PRO A 423 18.48 -12.18 4.92
CA PRO A 423 18.15 -12.47 6.31
C PRO A 423 18.87 -11.56 7.31
N ASP A 424 20.03 -11.03 6.94
CA ASP A 424 20.79 -10.08 7.78
C ASP A 424 19.98 -8.81 7.98
N LYS A 425 19.34 -8.35 6.90
CA LYS A 425 18.50 -7.16 6.90
C LYS A 425 17.29 -7.37 7.80
N THR A 426 16.64 -8.53 7.65
CA THR A 426 15.50 -8.90 8.50
C THR A 426 15.94 -8.86 9.97
N ALA A 427 17.05 -9.54 10.30
CA ALA A 427 17.53 -9.58 11.69
C ALA A 427 17.87 -8.21 12.27
N ALA A 428 18.41 -7.35 11.43
CA ALA A 428 18.75 -5.99 11.81
C ALA A 428 17.56 -5.13 12.25
N ASN A 429 16.33 -5.50 11.85
CA ASN A 429 15.14 -4.80 12.36
C ASN A 429 14.54 -5.42 13.60
N ILE A 430 15.22 -6.40 14.20
CA ILE A 430 14.68 -7.00 15.41
C ILE A 430 15.50 -6.45 16.55
N ARG A 431 14.80 -5.88 17.55
CA ARG A 431 15.41 -5.31 18.73
C ARG A 431 14.74 -5.96 19.94
N GLY A 432 15.51 -6.78 20.65
CA GLY A 432 15.00 -7.52 21.79
C GLY A 432 13.90 -8.41 21.26
N ASP A 433 12.70 -8.18 21.76
CA ASP A 433 11.51 -8.97 21.41
C ASP A 433 10.63 -8.36 20.32
N PHE A 434 11.10 -7.33 19.62
CA PHE A 434 10.27 -6.48 18.77
C PHE A 434 10.78 -6.35 17.36
N TRP A 435 9.85 -6.36 16.42
CA TRP A 435 10.09 -5.95 15.04
C TRP A 435 10.01 -4.42 14.99
N LEU A 436 11.09 -3.78 14.54
CA LEU A 436 11.10 -2.34 14.35
C LEU A 436 10.46 -1.94 13.03
N LEU A 437 9.44 -1.10 13.12
CA LEU A 437 8.81 -0.50 11.92
C LEU A 437 9.67 0.56 11.25
N GLY A 438 10.59 1.15 12.04
CA GLY A 438 11.45 2.24 11.57
C GLY A 438 10.79 3.59 11.69
N ASP A 439 9.58 3.62 12.26
CA ASP A 439 8.85 4.86 12.53
C ASP A 439 8.90 5.18 14.01
N ARG A 440 9.02 6.47 14.28
CA ARG A 440 8.83 6.99 15.62
C ARG A 440 7.34 7.24 15.91
N GLY A 441 6.99 7.10 17.19
CA GLY A 441 5.64 7.38 17.66
C GLY A 441 5.54 7.72 19.11
N ILE A 442 4.37 8.21 19.47
CA ILE A 442 3.94 8.33 20.89
C ILE A 442 2.59 7.62 21.03
N LYS A 443 2.41 6.90 22.14
CA LYS A 443 1.13 6.25 22.47
C LYS A 443 0.46 7.05 23.61
N ASP A 444 -0.82 7.35 23.45
CA ASP A 444 -1.57 8.07 24.48
C ASP A 444 -2.14 7.09 25.54
N GLU A 445 -2.86 7.66 26.51
CA GLU A 445 -3.43 6.90 27.61
C GLU A 445 -4.38 5.79 27.21
N ASP A 446 -5.06 5.95 26.08
CA ASP A 446 -5.97 4.93 25.58
C ASP A 446 -5.32 3.96 24.59
N GLY A 447 -4.01 4.11 24.37
CA GLY A 447 -3.27 3.27 23.43
C GLY A 447 -3.30 3.66 21.97
N TYR A 448 -3.75 4.89 21.68
CA TYR A 448 -3.71 5.42 20.32
C TYR A 448 -2.32 5.88 19.99
N PHE A 449 -1.86 5.50 18.81
CA PHE A 449 -0.59 5.97 18.27
C PHE A 449 -0.68 7.26 17.46
N GLN A 450 0.28 8.13 17.74
CA GLN A 450 0.58 9.27 16.91
C GLN A 450 1.95 9.04 16.22
N PHE A 451 1.93 9.13 14.87
CA PHE A 451 3.09 9.03 14.04
C PHE A 451 3.99 10.22 14.29
N MET A 452 5.30 9.97 14.49
CA MET A 452 6.29 11.04 14.78
C MET A 452 7.46 11.06 13.76
N GLY A 453 7.24 10.48 12.58
CA GLY A 453 8.20 10.56 11.46
C GLY A 453 9.00 9.27 11.31
N ARG A 454 9.64 9.07 10.16
CA ARG A 454 10.61 7.99 9.98
C ARG A 454 11.84 8.29 10.86
N ALA A 455 12.27 7.30 11.64
CA ALA A 455 13.35 7.45 12.61
C ALA A 455 14.62 8.05 11.99
N ASP A 456 14.97 7.53 10.80
CA ASP A 456 16.14 8.00 10.06
C ASP A 456 16.05 9.44 9.53
N ASP A 457 14.86 10.02 9.50
CA ASP A 457 14.67 11.40 8.98
C ASP A 457 14.74 12.44 10.10
N ILE A 458 14.73 12.01 11.37
CA ILE A 458 14.76 12.98 12.47
C ILE A 458 16.18 13.53 12.55
N ILE A 459 16.28 14.85 12.74
CA ILE A 459 17.55 15.54 12.75
C ILE A 459 17.98 15.84 14.21
N ASN A 460 19.23 15.53 14.51
CA ASN A 460 19.82 15.83 15.83
C ASN A 460 20.82 16.93 15.73
N SER A 461 20.45 18.13 16.15
CA SER A 461 21.33 19.28 16.07
C SER A 461 21.46 19.92 17.46
N SER A 462 22.69 20.12 17.92
CA SER A 462 22.99 20.82 19.19
C SER A 462 22.15 20.29 20.35
N GLY A 463 22.05 18.96 20.40
CA GLY A 463 21.20 18.25 21.36
C GLY A 463 19.69 18.41 21.22
N TYR A 464 19.23 18.94 20.08
CA TYR A 464 17.80 19.00 19.80
C TYR A 464 17.43 17.95 18.75
N ARG A 465 16.19 17.49 18.83
CA ARG A 465 15.62 16.58 17.85
C ARG A 465 14.63 17.37 17.02
N ILE A 466 14.84 17.36 15.71
CA ILE A 466 14.03 18.16 14.79
C ILE A 466 13.43 17.21 13.74
N GLY A 467 12.11 17.19 13.69
CA GLY A 467 11.38 16.43 12.70
C GLY A 467 11.23 17.28 11.45
N PRO A 468 11.47 16.69 10.26
CA PRO A 468 11.46 17.45 9.02
C PRO A 468 10.10 18.00 8.62
N SER A 469 9.02 17.27 8.90
CA SER A 469 7.65 17.68 8.48
C SER A 469 7.24 19.07 8.91
N GLU A 470 7.56 19.41 10.15
CA GLU A 470 7.22 20.69 10.70
C GLU A 470 7.97 21.80 9.97
N VAL A 471 9.28 21.63 9.77
CA VAL A 471 10.10 22.59 9.04
C VAL A 471 9.62 22.72 7.58
N GLU A 472 9.43 21.58 6.91
CA GLU A 472 8.86 21.53 5.57
C GLU A 472 7.53 22.30 5.45
N ASN A 473 6.66 22.14 6.45
CA ASN A 473 5.35 22.80 6.45
C ASN A 473 5.50 24.33 6.63
N ALA A 474 6.30 24.74 7.62
CA ALA A 474 6.74 26.12 7.79
C ALA A 474 7.29 26.73 6.47
N LEU A 475 8.13 25.97 5.74
CA LEU A 475 8.72 26.50 4.50
C LEU A 475 7.65 26.70 3.40
N MET A 476 6.76 25.72 3.29
CA MET A 476 5.66 25.72 2.36
C MET A 476 4.64 26.87 2.55
N GLU A 477 4.55 27.44 3.74
CA GLU A 477 3.72 28.65 3.93
C GLU A 477 4.22 29.87 3.18
N HIS A 478 5.52 29.93 2.91
CA HIS A 478 6.10 31.02 2.20
C HIS A 478 5.78 30.89 0.70
N PRO A 479 5.38 32.01 0.03
CA PRO A 479 4.95 31.93 -1.38
C PRO A 479 6.09 31.53 -2.35
N ALA A 480 7.33 31.74 -1.90
CA ALA A 480 8.50 31.38 -2.70
C ALA A 480 8.67 29.87 -2.84
N VAL A 481 8.16 29.10 -1.88
CA VAL A 481 8.38 27.63 -1.83
C VAL A 481 7.28 26.78 -2.49
N VAL A 482 7.61 26.06 -3.57
CA VAL A 482 6.71 25.13 -4.24
C VAL A 482 6.76 23.72 -3.63
N GLU A 483 7.97 23.29 -3.27
CA GLU A 483 8.26 22.01 -2.68
C GLU A 483 9.51 22.15 -1.88
N THR A 484 9.62 21.29 -0.87
CA THR A 484 10.81 21.27 0.00
C THR A 484 10.99 19.90 0.64
N ALA A 485 12.25 19.55 0.87
CA ALA A 485 12.66 18.42 1.71
C ALA A 485 13.65 19.00 2.74
N VAL A 486 13.46 18.59 4.00
CA VAL A 486 14.33 18.96 5.07
C VAL A 486 15.09 17.72 5.60
N ILE A 487 16.41 17.86 5.63
CA ILE A 487 17.28 16.75 5.97
C ILE A 487 18.46 17.20 6.84
N SER A 488 19.10 16.25 7.51
CA SER A 488 20.31 16.60 8.26
C SER A 488 21.46 16.85 7.30
N SER A 489 22.40 17.69 7.74
CA SER A 489 23.63 17.96 7.03
C SER A 489 24.76 17.95 8.06
N PRO A 490 25.95 17.46 7.67
CA PRO A 490 27.09 17.41 8.60
C PRO A 490 27.59 18.79 9.00
N ASP A 491 27.92 18.95 10.29
CA ASP A 491 28.47 20.21 10.78
C ASP A 491 29.46 19.98 11.93
N ARG A 494 28.28 20.36 14.42
CA ARG A 494 27.44 20.32 15.63
C ARG A 494 26.78 18.96 15.68
N GLY A 495 27.59 17.96 15.32
CA GLY A 495 27.09 16.71 14.82
C GLY A 495 26.54 17.11 13.47
N GLU A 496 25.29 17.58 13.50
CA GLU A 496 24.63 18.00 12.29
C GLU A 496 23.76 19.24 12.45
N VAL A 497 23.26 19.67 11.30
CA VAL A 497 22.47 20.86 11.14
C VAL A 497 21.21 20.56 10.28
N VAL A 498 20.15 21.36 10.47
CA VAL A 498 18.93 21.31 9.65
C VAL A 498 19.25 21.98 8.30
N LYS A 499 19.07 21.24 7.20
CA LYS A 499 19.15 21.77 5.83
C LYS A 499 17.81 21.59 5.09
N ALA A 500 17.39 22.66 4.40
CA ALA A 500 16.28 22.60 3.45
C ALA A 500 16.74 22.65 1.97
N PHE A 501 16.27 21.67 1.23
CA PHE A 501 16.18 21.71 -0.23
C PHE A 501 14.87 22.33 -0.65
N VAL A 502 14.95 23.39 -1.47
CA VAL A 502 13.79 24.17 -1.81
C VAL A 502 13.62 24.34 -3.32
N VAL A 503 12.45 23.95 -3.81
CA VAL A 503 12.07 24.23 -5.19
C VAL A 503 11.33 25.57 -5.17
N LEU A 504 11.91 26.58 -5.82
CA LEU A 504 11.31 27.90 -5.90
C LEU A 504 10.20 28.04 -6.94
N ALA A 505 9.22 28.87 -6.56
CA ALA A 505 8.28 29.45 -7.50
C ALA A 505 9.04 30.26 -8.56
N SER A 506 8.59 30.13 -9.81
CA SER A 506 9.25 30.75 -10.95
CA SER A 506 9.24 30.75 -10.97
C SER A 506 9.60 32.22 -10.72
N GLN A 507 8.67 32.96 -10.12
CA GLN A 507 8.91 34.40 -9.88
C GLN A 507 10.06 34.71 -8.89
N PHE A 508 10.45 33.74 -8.07
CA PHE A 508 11.54 33.92 -7.12
C PHE A 508 12.94 33.55 -7.60
N LEU A 509 13.03 32.92 -8.77
CA LEU A 509 14.31 32.54 -9.35
C LEU A 509 15.20 33.75 -9.66
N SER A 510 14.58 34.91 -9.87
CA SER A 510 15.31 36.15 -10.16
C SER A 510 15.82 36.84 -8.90
N HIS A 511 15.33 36.42 -7.73
CA HIS A 511 15.78 37.00 -6.46
C HIS A 511 17.21 36.60 -6.10
N ASP A 512 17.90 37.47 -5.37
CA ASP A 512 19.24 37.15 -4.84
C ASP A 512 19.09 36.03 -3.83
N PRO A 513 19.81 34.90 -4.05
CA PRO A 513 19.57 33.71 -3.20
C PRO A 513 20.02 33.85 -1.76
N GLU A 514 21.16 34.52 -1.52
CA GLU A 514 21.60 34.84 -0.15
C GLU A 514 20.52 35.57 0.63
N GLN A 515 19.89 36.53 -0.04
CA GLN A 515 18.86 37.35 0.57
C GLN A 515 17.57 36.57 0.76
N LEU A 516 17.18 35.79 -0.26
CA LEU A 516 16.03 34.91 -0.11
C LEU A 516 16.24 33.83 0.97
N THR A 517 17.45 33.25 1.05
CA THR A 517 17.79 32.26 2.10
C THR A 517 17.52 32.86 3.47
N LYS A 518 18.09 34.03 3.73
CA LYS A 518 17.85 34.77 4.98
C LYS A 518 16.35 34.99 5.25
N GLU A 519 15.61 35.42 4.23
CA GLU A 519 14.15 35.64 4.35
C GLU A 519 13.38 34.36 4.69
N LEU A 520 13.80 33.25 4.11
CA LEU A 520 13.19 31.97 4.40
C LEU A 520 13.59 31.46 5.80
N GLN A 521 14.86 31.65 6.17
CA GLN A 521 15.34 31.24 7.49
C GLN A 521 14.60 32.02 8.57
N GLN A 522 14.49 33.33 8.37
CA GLN A 522 13.76 34.23 9.27
C GLN A 522 12.27 33.82 9.39
N HIS A 523 11.67 33.43 8.27
CA HIS A 523 10.27 33.02 8.25
C HIS A 523 10.00 31.78 9.11
N VAL A 524 10.83 30.76 8.93
CA VAL A 524 10.68 29.55 9.72
C VAL A 524 10.87 29.92 11.20
N LYS A 525 11.99 30.59 11.52
CA LYS A 525 12.27 31.09 12.88
C LYS A 525 11.07 31.76 13.57
N SER A 526 10.11 32.27 12.79
CA SER A 526 8.90 32.93 13.30
C SER A 526 7.63 32.05 13.38
N VAL A 527 7.61 30.89 12.73
CA VAL A 527 6.44 30.01 12.79
C VAL A 527 6.67 28.82 13.72
N THR A 528 7.94 28.49 14.00
CA THR A 528 8.30 27.29 14.77
C THR A 528 9.38 27.67 15.78
N ALA A 529 9.68 26.76 16.71
CA ALA A 529 10.83 26.93 17.62
C ALA A 529 12.05 27.32 16.80
N PRO A 530 12.71 28.44 17.15
CA PRO A 530 13.89 28.85 16.40
C PRO A 530 15.06 27.87 16.36
N TYR A 531 15.09 26.82 17.18
CA TYR A 531 16.18 25.83 17.08
C TYR A 531 15.97 24.90 15.87
N LYS A 532 14.79 24.97 15.27
CA LYS A 532 14.39 24.12 14.15
C LYS A 532 14.66 24.71 12.76
N TYR A 533 15.13 25.96 12.71
CA TYR A 533 15.29 26.66 11.44
C TYR A 533 16.42 26.00 10.61
N PRO A 534 16.23 25.97 9.29
CA PRO A 534 17.27 25.46 8.39
C PRO A 534 18.50 26.35 8.27
N ARG A 535 19.60 25.90 8.86
CA ARG A 535 20.86 26.64 8.86
C ARG A 535 21.54 26.64 7.49
N LYS A 536 21.20 25.63 6.69
CA LYS A 536 21.52 25.60 5.28
C LYS A 536 20.24 25.53 4.43
N ILE A 537 20.26 26.24 3.31
CA ILE A 537 19.21 26.17 2.30
C ILE A 537 19.90 26.07 0.92
N GLU A 538 19.56 25.02 0.19
CA GLU A 538 19.95 24.88 -1.19
C GLU A 538 18.69 24.89 -2.08
N PHE A 539 18.71 25.78 -3.08
CA PHE A 539 17.68 25.87 -4.09
C PHE A 539 17.99 24.88 -5.20
N VAL A 540 16.97 24.12 -5.57
CA VAL A 540 17.03 23.03 -6.54
C VAL A 540 15.77 23.08 -7.44
N LEU A 541 15.85 22.42 -8.60
CA LEU A 541 14.74 22.46 -9.56
C LEU A 541 13.73 21.34 -9.43
N ASN A 542 14.10 20.28 -8.70
CA ASN A 542 13.24 19.13 -8.43
C ASN A 542 13.80 18.37 -7.24
N LEU A 543 12.95 17.62 -6.55
CA LEU A 543 13.36 16.73 -5.47
C LEU A 543 13.24 15.30 -5.99
N PRO A 544 14.11 14.42 -5.50
CA PRO A 544 13.94 12.99 -5.86
C PRO A 544 12.70 12.34 -5.19
N LYS A 545 11.91 11.62 -6.00
CA LYS A 545 10.66 10.99 -5.54
C LYS A 545 10.55 9.56 -6.04
N THR A 546 9.86 8.74 -5.25
CA THR A 546 9.56 7.36 -5.67
C THR A 546 8.49 7.40 -6.76
N VAL A 547 8.24 6.26 -7.39
CA VAL A 547 7.12 6.10 -8.34
C VAL A 547 5.77 6.56 -7.75
N THR A 548 5.63 6.47 -6.44
CA THR A 548 4.40 6.85 -5.80
C THR A 548 4.39 8.33 -5.42
N GLY A 549 5.51 9.03 -5.63
CA GLY A 549 5.58 10.45 -5.33
C GLY A 549 6.09 10.78 -3.94
N LYS A 550 6.71 9.82 -3.26
CA LYS A 550 7.20 10.10 -1.92
C LYS A 550 8.61 10.67 -2.03
N ILE A 551 8.85 11.77 -1.32
CA ILE A 551 10.16 12.41 -1.35
C ILE A 551 11.16 11.48 -0.69
N GLN A 552 12.27 11.25 -1.40
CA GLN A 552 13.33 10.40 -0.94
C GLN A 552 14.33 11.15 -0.11
N ARG A 553 13.98 11.43 1.13
CA ARG A 553 14.91 12.13 2.02
C ARG A 553 16.22 11.39 2.20
N ALA A 554 16.17 10.04 2.26
CA ALA A 554 17.40 9.22 2.44
C ALA A 554 18.46 9.51 1.36
N LYS A 555 17.97 9.60 0.13
CA LYS A 555 18.80 9.88 -1.06
C LYS A 555 19.50 11.21 -0.95
N LEU A 556 18.74 12.25 -0.60
CA LEU A 556 19.30 13.58 -0.33
C LEU A 556 20.31 13.58 0.82
N ARG A 557 19.93 12.93 1.93
CA ARG A 557 20.79 12.78 3.12
C ARG A 557 22.07 12.06 2.72
N ASP A 558 21.96 10.99 1.95
CA ASP A 558 23.15 10.20 1.63
C ASP A 558 24.12 11.09 0.88
N LYS A 559 23.62 11.85 -0.10
CA LYS A 559 24.48 12.73 -0.89
C LYS A 559 25.04 13.87 -0.05
N GLU A 560 24.24 14.42 0.85
CA GLU A 560 24.71 15.49 1.72
C GLU A 560 25.91 15.05 2.59
N TRP A 561 25.91 13.81 3.04
CA TRP A 561 26.97 13.30 3.91
C TRP A 561 28.09 12.67 3.04
N LYS A 562 27.78 12.45 1.77
CA LYS A 562 28.73 12.15 0.68
C LYS A 562 29.16 10.68 0.62
MG MG B . 4.41 28.16 -0.80
MG MG C . 9.58 0.86 4.51
CL CL D . -4.52 14.81 4.69
CL CL E . -10.10 8.43 -14.53
CL CL F . -14.36 -23.00 3.53
PG APC G . 10.70 1.66 1.59
O1G APC G . 10.42 0.55 2.60
O2G APC G . 11.16 1.11 0.26
O3G APC G . 11.65 2.68 2.15
PB APC G . 8.03 2.68 2.18
O1B APC G . 8.45 2.36 3.60
O2B APC G . 7.70 4.14 1.99
O3B APC G . 9.34 2.43 1.23
PA APC G . 5.38 1.14 2.48
O1A APC G . 5.59 -0.14 3.31
O2A APC G . 4.23 1.10 1.54
C3A APC G . 6.87 1.48 1.48
O5' APC G . 5.07 2.42 3.43
C5' APC G . 5.05 2.18 4.83
C4' APC G . 5.40 3.46 5.56
O4' APC G . 4.40 4.43 5.25
C3' APC G . 5.38 3.39 7.07
O3' APC G . 6.53 2.72 7.64
C2' APC G . 5.19 4.86 7.44
O2' APC G . 6.42 5.58 7.43
C1' APC G . 4.25 5.34 6.34
N9 APC G . 2.82 5.30 6.81
C8 APC G . 1.89 4.34 6.62
N7 APC G . 0.72 4.65 7.20
C5 APC G . 0.94 5.86 7.77
C6 APC G . 0.16 6.81 8.57
N6 APC G . -1.14 6.49 8.84
N1 APC G . 0.77 7.91 9.01
C2 APC G . 2.05 8.26 8.72
N3 APC G . 2.85 7.46 7.97
C4 APC G . 2.32 6.29 7.52
C TRS H . -18.76 -13.59 -16.15
C1 TRS H . -20.23 -13.45 -16.60
C2 TRS H . -18.63 -14.69 -15.08
C3 TRS H . -18.15 -12.26 -15.70
N TRS H . -17.96 -14.04 -17.30
O1 TRS H . -21.00 -12.74 -15.65
O2 TRS H . -17.66 -15.67 -15.42
O3 TRS H . -18.61 -11.16 -16.46
UNK UNX I . 1.40 -0.77 3.99
UNK UNX J . -2.26 -2.08 4.73
UNK UNX K . -0.03 -1.64 4.68
UNK UNX L . 1.17 1.89 3.86
UNK UNX M . -0.49 2.18 1.91
UNK UNX N . -0.14 1.88 -1.06
UNK UNX O . 0.31 -0.36 -0.10
UNK UNX P . 2.36 -0.88 1.84
UNK UNX Q . 0.10 4.39 -5.87
UNK UNX R . -1.98 3.57 -4.85
UNK UNX S . -2.01 2.08 -3.26
C1 GOL T . -13.29 -6.42 -20.41
O1 GOL T . -13.67 -5.40 -21.33
C2 GOL T . -12.36 -5.92 -19.29
O2 GOL T . -11.67 -6.99 -18.71
C3 GOL T . -11.33 -4.97 -19.90
O3 GOL T . -10.17 -4.98 -19.11
#